data_6J3O
#
_entry.id   6J3O
#
_cell.length_a   101.520
_cell.length_b   101.520
_cell.length_c   99.680
_cell.angle_alpha   90.00
_cell.angle_beta   90.00
_cell.angle_gamma   120.00
#
_symmetry.space_group_name_H-M   'H 3'
#
loop_
_entity.id
_entity.type
_entity.pdbx_description
1 polymer 'Histone acetyltransferase KAT2B'
2 non-polymer 3-methyl-2-[[(3~{R})-1-methylpiperidin-3-yl]amino]-5~{H}-pyrrolo[3,2-d]pyrimidin-4-one
3 water water
#
_entity_poly.entity_id   1
_entity_poly.type   'polypeptide(L)'
_entity_poly.pdbx_seq_one_letter_code
;MHHHHHHSSGVDLGTENLYFQSMGKEKSKEPRDPDQLYSTLKSILQQVKSHQSAWPFMEPVKRTEAPGYYEVIRFPMDLK
TMSERLKNRYYVSKKLFMADLQRVFTNCKEYNPPESEYYKCANILEKFFFSKIKEAGLID
;
_entity_poly.pdbx_strand_id   A,B
#
loop_
_chem_comp.id
_chem_comp.type
_chem_comp.name
_chem_comp.formula
B4L non-polymer 3-methyl-2-[[(3~{R})-1-methylpiperidin-3-yl]amino]-5~{H}-pyrrolo[3,2-d]pyrimidin-4-one 'C13 H19 N5 O'
#
# COMPACT_ATOMS: atom_id res chain seq x y z
N ASP A 35 23.98 4.81 14.34
CA ASP A 35 23.22 3.56 14.34
C ASP A 35 23.11 3.02 12.91
N GLN A 36 23.26 1.71 12.76
CA GLN A 36 23.20 1.12 11.42
C GLN A 36 21.81 1.25 10.82
N LEU A 37 20.76 1.06 11.63
CA LEU A 37 19.40 1.23 11.11
C LEU A 37 19.21 2.64 10.59
N TYR A 38 19.64 3.64 11.36
CA TYR A 38 19.53 5.02 10.91
C TYR A 38 20.25 5.22 9.58
N SER A 39 21.47 4.70 9.47
CA SER A 39 22.24 4.90 8.25
C SER A 39 21.54 4.30 7.04
N THR A 40 20.95 3.12 7.21
CA THR A 40 20.26 2.47 6.09
C THR A 40 19.04 3.28 5.67
N LEU A 41 18.19 3.64 6.64
CA LEU A 41 16.95 4.36 6.31
C LEU A 41 17.24 5.70 5.65
N LYS A 42 18.26 6.43 6.15
CA LYS A 42 18.60 7.72 5.54
C LYS A 42 19.02 7.54 4.09
N SER A 43 19.86 6.53 3.81
CA SER A 43 20.22 6.23 2.43
C SER A 43 18.98 5.95 1.59
N ILE A 44 18.13 5.04 2.05
CA ILE A 44 16.93 4.69 1.29
C ILE A 44 16.08 5.92 1.03
N LEU A 45 15.82 6.71 2.08
CA LEU A 45 14.96 7.89 1.93
C LEU A 45 15.59 8.90 0.98
N GLN A 46 16.91 9.13 1.10
CA GLN A 46 17.58 10.06 0.21
C GLN A 46 17.47 9.61 -1.24
N GLN A 47 17.57 8.31 -1.49
CA GLN A 47 17.46 7.81 -2.85
C GLN A 47 16.03 7.97 -3.38
N VAL A 48 15.03 7.73 -2.52
CA VAL A 48 13.65 7.96 -2.92
C VAL A 48 13.43 9.44 -3.23
N LYS A 49 13.97 10.33 -2.39
CA LYS A 49 13.76 11.75 -2.59
C LYS A 49 14.41 12.25 -3.88
N SER A 50 15.46 11.57 -4.36
CA SER A 50 16.13 11.96 -5.58
C SER A 50 15.43 11.46 -6.84
N HIS A 51 14.49 10.53 -6.71
CA HIS A 51 13.89 9.91 -7.88
C HIS A 51 13.07 10.93 -8.66
N GLN A 52 13.08 10.79 -9.99
CA GLN A 52 12.36 11.73 -10.85
C GLN A 52 10.87 11.75 -10.55
N SER A 53 10.33 10.63 -10.06
CA SER A 53 8.91 10.51 -9.78
C SER A 53 8.52 10.93 -8.37
N ALA A 54 9.46 11.45 -7.59
CA ALA A 54 9.18 11.85 -6.22
C ALA A 54 8.70 13.28 -6.10
N TRP A 55 8.67 14.05 -7.18
CA TRP A 55 8.38 15.47 -7.07
C TRP A 55 6.99 15.77 -6.49
N PRO A 56 5.95 14.96 -6.70
CA PRO A 56 4.65 15.30 -6.11
C PRO A 56 4.58 15.09 -4.61
N PHE A 57 5.60 14.49 -4.00
CA PHE A 57 5.52 14.04 -2.61
C PHE A 57 6.62 14.63 -1.73
N MET A 58 7.36 15.63 -2.20
CA MET A 58 8.50 16.14 -1.45
C MET A 58 8.04 16.92 -0.21
N GLU A 59 6.94 17.65 -0.31
CA GLU A 59 6.46 18.48 0.79
C GLU A 59 4.96 18.34 0.95
N PRO A 60 4.38 18.80 2.06
CA PRO A 60 2.94 18.60 2.26
C PRO A 60 2.12 19.31 1.19
N VAL A 61 1.01 18.66 0.81
CA VAL A 61 0.07 19.29 -0.11
C VAL A 61 -0.37 20.64 0.46
N LYS A 62 -0.43 21.65 -0.39
CA LYS A 62 -0.89 22.97 0.00
C LYS A 62 -2.39 23.11 -0.25
N ARG A 63 -3.06 23.90 0.59
CA ARG A 63 -4.48 24.15 0.39
C ARG A 63 -4.72 24.79 -0.96
N THR A 64 -3.81 25.65 -1.41
CA THR A 64 -3.92 26.24 -2.74
C THR A 64 -3.86 25.18 -3.83
N GLU A 65 -2.96 24.20 -3.67
CA GLU A 65 -2.79 23.17 -4.69
C GLU A 65 -4.00 22.24 -4.75
N ALA A 66 -4.59 21.93 -3.61
CA ALA A 66 -5.74 21.03 -3.55
C ALA A 66 -6.68 21.49 -2.45
N PRO A 67 -7.53 22.48 -2.73
CA PRO A 67 -8.50 22.92 -1.73
C PRO A 67 -9.39 21.77 -1.28
N GLY A 68 -9.61 21.70 0.04
CA GLY A 68 -10.39 20.64 0.63
C GLY A 68 -9.68 19.31 0.78
N TYR A 69 -8.39 19.25 0.42
CA TYR A 69 -7.64 18.00 0.54
C TYR A 69 -7.68 17.47 1.98
N TYR A 70 -7.48 18.36 2.95
CA TYR A 70 -7.32 17.95 4.34
C TYR A 70 -8.64 17.67 5.05
N GLU A 71 -9.77 17.75 4.34
CA GLU A 71 -11.04 17.26 4.85
C GLU A 71 -11.38 15.87 4.34
N VAL A 72 -10.50 15.27 3.55
CA VAL A 72 -10.68 13.92 3.04
C VAL A 72 -9.56 13.00 3.48
N ILE A 73 -8.33 13.51 3.55
CA ILE A 73 -7.15 12.72 3.85
C ILE A 73 -6.82 12.96 5.32
N ARG A 74 -7.22 12.03 6.19
CA ARG A 74 -7.13 12.25 7.62
C ARG A 74 -5.69 12.21 8.12
N PHE A 75 -4.81 11.48 7.44
CA PHE A 75 -3.43 11.26 7.90
C PHE A 75 -2.46 11.68 6.80
N PRO A 76 -2.20 12.97 6.66
CA PRO A 76 -1.26 13.42 5.61
C PRO A 76 0.16 12.97 5.90
N MET A 77 0.91 12.72 4.83
CA MET A 77 2.32 12.39 4.96
C MET A 77 3.06 12.80 3.70
N ASP A 78 4.35 13.09 3.86
CA ASP A 78 5.21 13.53 2.77
C ASP A 78 6.65 13.23 3.15
N LEU A 79 7.54 13.38 2.17
CA LEU A 79 8.94 12.96 2.36
C LEU A 79 9.73 13.95 3.22
N LYS A 80 9.38 15.24 3.19
CA LYS A 80 9.98 16.19 4.12
C LYS A 80 9.64 15.81 5.55
N THR A 81 8.34 15.61 5.82
CA THR A 81 7.92 15.15 7.14
C THR A 81 8.67 13.89 7.55
N MET A 82 8.89 12.97 6.60
CA MET A 82 9.62 11.75 6.93
C MET A 82 11.07 12.04 7.25
N SER A 83 11.71 12.95 6.50
CA SER A 83 13.09 13.30 6.78
C SER A 83 13.24 13.85 8.19
N GLU A 84 12.37 14.77 8.58
CA GLU A 84 12.41 15.32 9.93
C GLU A 84 12.14 14.23 10.97
N ARG A 85 11.21 13.32 10.68
CA ARG A 85 10.94 12.22 11.59
C ARG A 85 12.18 11.32 11.74
N LEU A 86 12.94 11.14 10.66
CA LEU A 86 14.18 10.39 10.75
C LEU A 86 15.19 11.10 11.63
N LYS A 87 15.37 12.42 11.41
CA LYS A 87 16.33 13.18 12.20
C LYS A 87 15.94 13.19 13.67
N ASN A 88 14.64 13.20 13.97
CA ASN A 88 14.19 13.18 15.35
C ASN A 88 14.14 11.77 15.94
N ARG A 89 14.60 10.77 15.19
CA ARG A 89 14.83 9.42 15.72
C ARG A 89 13.53 8.66 15.98
N TYR A 90 12.51 8.91 15.17
CA TYR A 90 11.22 8.26 15.33
C TYR A 90 11.17 6.87 14.70
N TYR A 91 12.02 6.58 13.72
CA TYR A 91 11.99 5.29 13.02
C TYR A 91 12.92 4.29 13.70
N VAL A 92 12.45 3.79 14.85
CA VAL A 92 13.21 2.76 15.57
C VAL A 92 13.03 1.38 14.98
N SER A 93 12.17 1.21 13.97
CA SER A 93 11.93 -0.09 13.38
C SER A 93 11.59 0.06 11.91
N LYS A 94 11.70 -1.05 11.18
CA LYS A 94 11.29 -1.07 9.78
C LYS A 94 9.77 -0.85 9.66
N LYS A 95 8.99 -1.71 10.30
CA LYS A 95 7.55 -1.52 10.28
C LYS A 95 7.23 -0.22 10.99
N LEU A 96 7.24 0.88 10.25
CA LEU A 96 7.24 2.21 10.83
C LEU A 96 7.67 3.17 9.74
N PHE A 97 8.94 3.02 9.33
CA PHE A 97 9.40 3.66 8.10
C PHE A 97 8.55 3.24 6.91
N MET A 98 8.20 1.95 6.84
CA MET A 98 7.35 1.46 5.75
C MET A 98 5.96 2.06 5.84
N ALA A 99 5.38 2.10 7.04
CA ALA A 99 4.02 2.60 7.19
C ALA A 99 3.89 4.05 6.74
N ASP A 100 4.84 4.90 7.14
CA ASP A 100 4.80 6.29 6.73
C ASP A 100 4.91 6.43 5.22
N LEU A 101 5.89 5.74 4.61
CA LEU A 101 6.08 5.88 3.17
C LEU A 101 4.91 5.28 2.41
N GLN A 102 4.32 4.20 2.92
CA GLN A 102 3.15 3.62 2.27
C GLN A 102 1.95 4.55 2.37
N ARG A 103 1.80 5.25 3.50
CA ARG A 103 0.73 6.23 3.65
C ARG A 103 0.79 7.26 2.53
N VAL A 104 1.99 7.69 2.16
CA VAL A 104 2.14 8.64 1.06
C VAL A 104 1.46 8.11 -0.20
N PHE A 105 1.72 6.84 -0.53
CA PHE A 105 1.15 6.27 -1.74
C PHE A 105 -0.35 6.09 -1.63
N THR A 106 -0.83 5.56 -0.49
CA THR A 106 -2.26 5.29 -0.34
C THR A 106 -3.06 6.59 -0.32
N ASN A 107 -2.54 7.62 0.34
CA ASN A 107 -3.18 8.94 0.29
C ASN A 107 -3.38 9.38 -1.16
N CYS A 108 -2.33 9.28 -1.97
CA CYS A 108 -2.40 9.71 -3.35
C CYS A 108 -3.38 8.85 -4.16
N LYS A 109 -3.38 7.54 -3.91
CA LYS A 109 -4.30 6.66 -4.63
C LYS A 109 -5.74 6.85 -4.18
N GLU A 110 -5.95 7.28 -2.94
CA GLU A 110 -7.31 7.54 -2.46
C GLU A 110 -7.84 8.88 -2.96
N TYR A 111 -6.97 9.88 -3.11
CA TYR A 111 -7.43 11.21 -3.49
C TYR A 111 -7.53 11.39 -5.01
N ASN A 112 -6.69 10.71 -5.77
CA ASN A 112 -6.56 10.99 -7.20
C ASN A 112 -7.05 9.82 -8.05
N PRO A 113 -7.41 10.07 -9.31
CA PRO A 113 -7.83 8.98 -10.20
C PRO A 113 -6.64 8.18 -10.70
N PRO A 114 -6.88 7.00 -11.28
CA PRO A 114 -5.76 6.13 -11.67
C PRO A 114 -4.96 6.64 -12.86
N GLU A 115 -5.51 7.57 -13.65
CA GLU A 115 -4.85 8.03 -14.86
C GLU A 115 -4.31 9.44 -14.72
N SER A 116 -4.17 9.94 -13.49
CA SER A 116 -3.50 11.20 -13.23
C SER A 116 -2.00 10.97 -13.05
N GLU A 117 -1.22 12.00 -13.34
CA GLU A 117 0.23 11.88 -13.21
C GLU A 117 0.64 11.63 -11.76
N TYR A 118 -0.13 12.13 -10.79
CA TYR A 118 0.16 11.86 -9.39
C TYR A 118 0.06 10.37 -9.11
N TYR A 119 -1.04 9.74 -9.54
CA TYR A 119 -1.20 8.31 -9.35
C TYR A 119 -0.09 7.54 -10.05
N LYS A 120 0.22 7.89 -11.30
CA LYS A 120 1.29 7.22 -12.01
C LYS A 120 2.61 7.34 -11.27
N CYS A 121 2.91 8.53 -10.75
CA CYS A 121 4.16 8.73 -10.04
C CYS A 121 4.22 7.86 -8.79
N ALA A 122 3.09 7.66 -8.12
CA ALA A 122 3.08 6.84 -6.90
C ALA A 122 3.48 5.41 -7.20
N ASN A 123 2.96 4.83 -8.29
CA ASN A 123 3.27 3.44 -8.60
C ASN A 123 4.72 3.27 -9.03
N ILE A 124 5.23 4.18 -9.87
CA ILE A 124 6.63 4.13 -10.25
C ILE A 124 7.53 4.21 -9.02
N LEU A 125 7.27 5.20 -8.16
CA LEU A 125 8.11 5.38 -6.98
C LEU A 125 7.99 4.23 -6.02
N GLU A 126 6.78 3.68 -5.87
CA GLU A 126 6.57 2.51 -5.01
C GLU A 126 7.47 1.35 -5.46
N LYS A 127 7.48 1.05 -6.76
CA LYS A 127 8.36 0.01 -7.26
C LYS A 127 9.80 0.26 -6.86
N PHE A 128 10.32 1.44 -7.21
CA PHE A 128 11.68 1.81 -6.83
C PHE A 128 11.91 1.61 -5.35
N PHE A 129 10.97 2.07 -4.52
CA PHE A 129 11.12 1.93 -3.08
C PHE A 129 11.29 0.48 -2.68
N PHE A 130 10.36 -0.38 -3.08
CA PHE A 130 10.44 -1.79 -2.70
C PHE A 130 11.75 -2.41 -3.18
N SER A 131 12.23 -2.00 -4.35
CA SER A 131 13.53 -2.49 -4.82
CA SER A 131 13.52 -2.48 -4.82
C SER A 131 14.64 -2.06 -3.88
N LYS A 132 14.62 -0.79 -3.46
CA LYS A 132 15.64 -0.30 -2.53
C LYS A 132 15.56 -1.03 -1.20
N ILE A 133 14.36 -1.34 -0.73
CA ILE A 133 14.21 -2.09 0.52
C ILE A 133 14.87 -3.46 0.39
N LYS A 134 14.77 -4.08 -0.78
CA LYS A 134 15.35 -5.41 -0.97
C LYS A 134 16.87 -5.34 -1.04
N GLU A 135 17.41 -4.39 -1.80
CA GLU A 135 18.86 -4.25 -1.92
C GLU A 135 19.53 -4.16 -0.55
N ALA A 136 18.86 -3.53 0.41
CA ALA A 136 19.43 -3.32 1.74
C ALA A 136 19.18 -4.49 2.69
N GLY A 137 18.45 -5.51 2.25
CA GLY A 137 18.09 -6.59 3.15
C GLY A 137 17.36 -6.13 4.39
N LEU A 138 16.81 -4.92 4.37
CA LEU A 138 16.13 -4.37 5.54
C LEU A 138 15.01 -5.30 5.98
N ILE A 139 15.07 -5.73 7.24
CA ILE A 139 14.10 -6.69 7.78
C ILE A 139 13.84 -6.36 9.24
N ASP A 140 12.71 -6.85 9.74
CA ASP A 140 12.30 -6.60 11.12
C ASP A 140 13.21 -7.34 12.10
N ASP B 35 -27.86 -5.43 7.27
CA ASP B 35 -27.00 -4.29 7.59
C ASP B 35 -26.33 -3.76 6.33
N GLN B 36 -26.27 -2.43 6.20
CA GLN B 36 -25.84 -1.83 4.95
C GLN B 36 -24.33 -1.98 4.72
N LEU B 37 -23.53 -1.87 5.79
CA LEU B 37 -22.09 -2.00 5.62
C LEU B 37 -21.72 -3.40 5.15
N TYR B 38 -22.26 -4.43 5.83
CA TYR B 38 -22.01 -5.80 5.42
C TYR B 38 -22.30 -6.00 3.94
N SER B 39 -23.42 -5.45 3.45
CA SER B 39 -23.81 -5.67 2.07
C SER B 39 -22.91 -4.92 1.10
N THR B 40 -22.48 -3.71 1.46
CA THR B 40 -21.55 -2.98 0.60
C THR B 40 -20.21 -3.71 0.51
N LEU B 41 -19.69 -4.15 1.66
CA LEU B 41 -18.41 -4.86 1.64
C LEU B 41 -18.51 -6.19 0.91
N LYS B 42 -19.65 -6.87 1.03
CA LYS B 42 -19.81 -8.15 0.33
C LYS B 42 -19.84 -7.94 -1.18
N SER B 43 -20.54 -6.91 -1.64
CA SER B 43 -20.53 -6.59 -3.06
C SER B 43 -19.11 -6.30 -3.54
N ILE B 44 -18.40 -5.41 -2.84
CA ILE B 44 -17.04 -5.05 -3.26
C ILE B 44 -16.16 -6.29 -3.32
N LEU B 45 -16.17 -7.10 -2.26
CA LEU B 45 -15.28 -8.25 -2.21
C LEU B 45 -15.61 -9.25 -3.32
N GLN B 46 -16.90 -9.45 -3.62
CA GLN B 46 -17.27 -10.40 -4.67
C GLN B 46 -16.72 -9.96 -6.01
N GLN B 47 -16.88 -8.68 -6.35
CA GLN B 47 -16.34 -8.18 -7.61
C GLN B 47 -14.83 -8.37 -7.68
N VAL B 48 -14.12 -7.99 -6.62
CA VAL B 48 -12.66 -8.17 -6.61
C VAL B 48 -12.31 -9.62 -6.87
N LYS B 49 -13.01 -10.54 -6.21
CA LYS B 49 -12.71 -11.96 -6.38
C LYS B 49 -13.07 -12.45 -7.79
N SER B 50 -14.07 -11.84 -8.41
CA SER B 50 -14.44 -12.22 -9.77
C SER B 50 -13.56 -11.56 -10.83
N HIS B 51 -12.49 -10.88 -10.42
CA HIS B 51 -11.61 -10.19 -11.36
C HIS B 51 -10.58 -11.17 -11.92
N GLN B 52 -10.33 -11.06 -13.23
CA GLN B 52 -9.40 -11.96 -13.89
C GLN B 52 -7.99 -11.89 -13.27
N SER B 53 -7.64 -10.75 -12.67
CA SER B 53 -6.32 -10.55 -12.09
C SER B 53 -6.26 -10.94 -10.61
N ALA B 54 -7.31 -11.58 -10.09
CA ALA B 54 -7.36 -11.93 -8.69
C ALA B 54 -6.82 -13.33 -8.39
N TRP B 55 -6.49 -14.11 -9.43
CA TRP B 55 -6.13 -15.51 -9.19
C TRP B 55 -4.90 -15.68 -8.30
N PRO B 56 -3.90 -14.79 -8.29
CA PRO B 56 -2.78 -14.99 -7.37
C PRO B 56 -3.17 -14.87 -5.90
N PHE B 57 -4.30 -14.24 -5.60
CA PHE B 57 -4.63 -13.82 -4.25
C PHE B 57 -5.83 -14.54 -3.67
N MET B 58 -6.30 -15.60 -4.31
CA MET B 58 -7.54 -16.25 -3.86
C MET B 58 -7.34 -17.00 -2.56
N GLU B 59 -6.18 -17.61 -2.35
CA GLU B 59 -5.91 -18.40 -1.17
CA GLU B 59 -5.90 -18.41 -1.17
C GLU B 59 -4.50 -18.10 -0.67
N PRO B 60 -4.20 -18.43 0.59
CA PRO B 60 -2.90 -18.08 1.16
C PRO B 60 -1.74 -18.63 0.34
N VAL B 61 -0.60 -17.97 0.49
CA VAL B 61 0.62 -18.38 -0.21
C VAL B 61 1.13 -19.67 0.41
N LYS B 62 1.20 -20.72 -0.40
CA LYS B 62 1.81 -21.97 0.05
C LYS B 62 3.33 -21.82 0.12
N ARG B 63 3.94 -22.53 1.07
CA ARG B 63 5.40 -22.48 1.20
C ARG B 63 6.07 -23.04 -0.05
N THR B 64 5.54 -24.13 -0.60
CA THR B 64 6.10 -24.71 -1.81
C THR B 64 6.21 -23.68 -2.93
N GLU B 65 5.28 -22.72 -2.97
CA GLU B 65 5.22 -21.78 -4.08
C GLU B 65 6.27 -20.67 -3.96
N ALA B 66 6.74 -20.36 -2.75
CA ALA B 66 7.69 -19.28 -2.56
C ALA B 66 8.47 -19.46 -1.27
N PRO B 67 9.76 -19.78 -1.34
CA PRO B 67 10.48 -20.13 -0.10
C PRO B 67 10.69 -18.93 0.81
N GLY B 68 10.55 -19.17 2.10
CA GLY B 68 10.75 -18.12 3.09
C GLY B 68 9.85 -16.91 2.91
N TYR B 69 8.73 -17.06 2.21
CA TYR B 69 7.79 -15.96 2.06
C TYR B 69 7.31 -15.48 3.42
N TYR B 70 6.96 -16.41 4.30
CA TYR B 70 6.55 -16.06 5.66
C TYR B 70 7.72 -15.71 6.56
N GLU B 71 8.95 -15.79 6.06
CA GLU B 71 10.09 -15.25 6.79
C GLU B 71 10.08 -13.73 6.74
N VAL B 72 9.93 -13.17 5.55
CA VAL B 72 9.52 -11.77 5.38
C VAL B 72 7.99 -11.80 5.45
N ILE B 73 7.35 -10.64 5.28
CA ILE B 73 5.89 -10.58 5.31
C ILE B 73 5.38 -11.03 6.67
N ARG B 74 5.18 -10.08 7.58
CA ARG B 74 4.73 -10.44 8.93
C ARG B 74 3.22 -10.62 9.02
N PHE B 75 2.45 -10.09 8.06
CA PHE B 75 0.99 -10.17 8.09
C PHE B 75 0.47 -10.62 6.73
N PRO B 76 0.49 -11.92 6.47
CA PRO B 76 -0.12 -12.42 5.23
C PRO B 76 -1.61 -12.15 5.20
N MET B 77 -2.14 -12.01 3.99
CA MET B 77 -3.57 -11.81 3.80
C MET B 77 -3.97 -12.31 2.43
N ASP B 78 -5.21 -12.76 2.31
CA ASP B 78 -5.73 -13.26 1.05
C ASP B 78 -7.24 -13.10 1.05
N LEU B 79 -7.85 -13.36 -0.11
CA LEU B 79 -9.27 -13.09 -0.27
C LEU B 79 -10.14 -14.18 0.37
N LYS B 80 -9.64 -15.42 0.45
CA LYS B 80 -10.37 -16.44 1.19
C LYS B 80 -10.44 -16.08 2.67
N THR B 81 -9.32 -15.66 3.24
CA THR B 81 -9.32 -15.20 4.63
C THR B 81 -10.25 -14.00 4.81
N MET B 82 -10.27 -13.09 3.84
CA MET B 82 -11.16 -11.93 3.94
C MET B 82 -12.62 -12.35 3.84
N SER B 83 -12.93 -13.38 3.06
CA SER B 83 -14.30 -13.88 3.00
C SER B 83 -14.72 -14.51 4.32
N GLU B 84 -13.83 -15.26 4.96
CA GLU B 84 -14.11 -15.81 6.28
C GLU B 84 -14.31 -14.69 7.29
N ARG B 85 -13.39 -13.73 7.33
CA ARG B 85 -13.53 -12.61 8.26
C ARG B 85 -14.85 -11.88 8.02
N LEU B 86 -15.23 -11.70 6.76
CA LEU B 86 -16.48 -11.01 6.44
C LEU B 86 -17.68 -11.81 6.93
N LYS B 87 -17.68 -13.12 6.69
CA LYS B 87 -18.77 -13.97 7.17
C LYS B 87 -18.79 -14.01 8.68
N ASN B 88 -17.62 -14.02 9.32
CA ASN B 88 -17.53 -13.99 10.77
C ASN B 88 -17.86 -12.63 11.36
N ARG B 89 -18.24 -11.65 10.54
CA ARG B 89 -18.63 -10.32 11.01
C ARG B 89 -17.46 -9.60 11.69
N TYR B 90 -16.26 -9.78 11.13
CA TYR B 90 -15.09 -9.08 11.64
C TYR B 90 -15.05 -7.63 11.19
N TYR B 91 -15.56 -7.33 10.00
CA TYR B 91 -15.44 -5.99 9.41
C TYR B 91 -16.59 -5.12 9.88
N VAL B 92 -16.43 -4.59 11.11
CA VAL B 92 -17.41 -3.65 11.64
C VAL B 92 -17.19 -2.23 11.13
N SER B 93 -16.04 -1.96 10.51
CA SER B 93 -15.74 -0.63 9.99
C SER B 93 -15.10 -0.76 8.62
N LYS B 94 -15.35 0.25 7.77
CA LYS B 94 -14.70 0.31 6.47
C LYS B 94 -13.18 0.29 6.62
N LYS B 95 -12.65 0.78 7.74
CA LYS B 95 -11.21 0.88 7.92
C LYS B 95 -10.56 -0.50 7.99
N LEU B 96 -11.16 -1.43 8.73
CA LEU B 96 -10.60 -2.77 8.83
C LEU B 96 -10.64 -3.50 7.50
N PHE B 97 -11.71 -3.30 6.73
CA PHE B 97 -11.83 -3.94 5.43
C PHE B 97 -10.75 -3.42 4.48
N MET B 98 -10.65 -2.11 4.33
CA MET B 98 -9.68 -1.53 3.40
C MET B 98 -8.25 -1.85 3.82
N ALA B 99 -7.99 -1.94 5.13
CA ALA B 99 -6.65 -2.30 5.59
C ALA B 99 -6.26 -3.68 5.10
N ASP B 100 -7.13 -4.67 5.29
CA ASP B 100 -6.83 -6.04 4.88
C ASP B 100 -6.60 -6.13 3.38
N LEU B 101 -7.50 -5.56 2.58
CA LEU B 101 -7.38 -5.69 1.13
C LEU B 101 -6.12 -4.99 0.63
N GLN B 102 -5.83 -3.80 1.16
CA GLN B 102 -4.60 -3.12 0.80
C GLN B 102 -3.39 -4.01 1.12
N ARG B 103 -3.45 -4.74 2.23
CA ARG B 103 -2.33 -5.59 2.62
C ARG B 103 -2.09 -6.69 1.60
N VAL B 104 -3.14 -7.19 0.95
CA VAL B 104 -2.97 -8.19 -0.09
C VAL B 104 -1.99 -7.68 -1.14
N PHE B 105 -2.21 -6.45 -1.61
CA PHE B 105 -1.37 -5.89 -2.66
C PHE B 105 -0.01 -5.45 -2.13
N THR B 106 0.03 -4.86 -0.93
CA THR B 106 1.29 -4.40 -0.37
C THR B 106 2.26 -5.56 -0.20
N ASN B 107 1.81 -6.66 0.43
CA ASN B 107 2.67 -7.82 0.60
C ASN B 107 3.21 -8.31 -0.75
N CYS B 108 2.35 -8.35 -1.77
CA CYS B 108 2.78 -8.85 -3.07
C CYS B 108 3.89 -7.98 -3.65
N LYS B 109 3.72 -6.66 -3.61
CA LYS B 109 4.68 -5.76 -4.24
C LYS B 109 6.00 -5.69 -3.48
N GLU B 110 6.02 -6.06 -2.20
CA GLU B 110 7.27 -6.07 -1.47
C GLU B 110 8.09 -7.31 -1.79
N TYR B 111 7.44 -8.47 -1.90
CA TYR B 111 8.17 -9.73 -2.05
C TYR B 111 8.61 -10.00 -3.48
N ASN B 112 7.87 -9.50 -4.47
CA ASN B 112 8.06 -9.95 -5.84
C ASN B 112 8.78 -8.92 -6.71
N PRO B 113 9.51 -9.37 -7.74
CA PRO B 113 10.20 -8.42 -8.60
C PRO B 113 9.23 -7.45 -9.24
N PRO B 114 9.67 -6.21 -9.48
CA PRO B 114 8.74 -5.20 -10.01
C PRO B 114 8.02 -5.58 -11.29
N GLU B 115 8.63 -6.42 -12.14
CA GLU B 115 8.01 -6.81 -13.39
C GLU B 115 7.39 -8.21 -13.33
N SER B 116 7.26 -8.77 -12.13
CA SER B 116 6.56 -10.04 -11.96
C SER B 116 5.14 -9.96 -12.49
N GLU B 117 4.66 -11.06 -13.06
CA GLU B 117 3.25 -11.17 -13.37
C GLU B 117 2.40 -10.99 -12.12
N TYR B 118 2.86 -11.57 -10.99
CA TYR B 118 2.22 -11.31 -9.72
C TYR B 118 2.14 -9.80 -9.44
N TYR B 119 3.25 -9.09 -9.65
CA TYR B 119 3.29 -7.67 -9.37
C TYR B 119 2.30 -6.89 -10.24
N LYS B 120 2.21 -7.26 -11.52
CA LYS B 120 1.27 -6.57 -12.41
C LYS B 120 -0.17 -6.84 -11.99
N CYS B 121 -0.48 -8.08 -11.62
CA CYS B 121 -1.82 -8.40 -11.15
C CYS B 121 -2.19 -7.52 -9.96
N ALA B 122 -1.27 -7.37 -9.00
CA ALA B 122 -1.56 -6.56 -7.82
C ALA B 122 -1.94 -5.14 -8.19
N ASN B 123 -1.21 -4.53 -9.14
CA ASN B 123 -1.46 -3.13 -9.48
C ASN B 123 -2.71 -2.97 -10.34
N ILE B 124 -3.05 -3.97 -11.15
CA ILE B 124 -4.33 -3.95 -11.86
C ILE B 124 -5.48 -4.04 -10.86
N LEU B 125 -5.42 -5.03 -9.98
CA LEU B 125 -6.51 -5.24 -9.02
C LEU B 125 -6.59 -4.08 -8.03
N GLU B 126 -5.45 -3.53 -7.62
CA GLU B 126 -5.46 -2.38 -6.74
C GLU B 126 -6.17 -1.19 -7.39
N LYS B 127 -5.90 -0.95 -8.67
CA LYS B 127 -6.62 0.08 -9.40
C LYS B 127 -8.12 -0.19 -9.35
N PHE B 128 -8.52 -1.43 -9.65
CA PHE B 128 -9.93 -1.81 -9.56
C PHE B 128 -10.46 -1.53 -8.16
N PHE B 129 -9.77 -2.05 -7.14
CA PHE B 129 -10.18 -1.88 -5.76
C PHE B 129 -10.48 -0.42 -5.44
N PHE B 130 -9.50 0.47 -5.67
CA PHE B 130 -9.70 1.87 -5.34
C PHE B 130 -10.88 2.47 -6.10
N SER B 131 -11.07 2.04 -7.36
CA SER B 131 -12.23 2.50 -8.11
C SER B 131 -13.53 2.17 -7.39
N LYS B 132 -13.65 0.95 -6.88
CA LYS B 132 -14.94 0.47 -6.39
C LYS B 132 -15.26 0.99 -5.00
N ILE B 133 -14.26 1.25 -4.15
CA ILE B 133 -14.58 1.86 -2.86
C ILE B 133 -15.02 3.31 -3.07
N LYS B 134 -14.57 3.94 -4.16
CA LYS B 134 -15.03 5.28 -4.50
C LYS B 134 -16.44 5.25 -5.04
N GLU B 135 -16.72 4.35 -5.99
CA GLU B 135 -18.08 4.17 -6.49
C GLU B 135 -19.07 4.05 -5.34
N ALA B 136 -18.82 3.12 -4.43
CA ALA B 136 -19.71 2.85 -3.31
C ALA B 136 -19.60 3.88 -2.19
N GLY B 137 -18.98 5.03 -2.44
CA GLY B 137 -18.89 6.06 -1.44
C GLY B 137 -18.28 5.63 -0.13
N LEU B 138 -17.53 4.54 -0.13
CA LEU B 138 -16.96 4.01 1.11
C LEU B 138 -15.98 5.01 1.70
N ILE B 139 -16.36 5.66 2.79
CA ILE B 139 -15.56 6.74 3.37
C ILE B 139 -14.98 6.30 4.71
C10 B4L C . -4.00 17.15 -6.69
C13 B4L C . 1.79 18.73 -4.37
C17 B4L C . 2.87 20.36 -5.75
N01 B4L C . 1.40 17.27 -4.31
C02 B4L C . 0.09 16.87 -4.78
C04 B4L C . -1.51 15.20 -5.02
C06 B4L C . -2.36 16.12 -5.66
C07 B4L C . -1.93 17.40 -5.84
C09 B4L C . -2.99 18.09 -6.50
N11 B4L C . -3.62 15.98 -6.18
C12 B4L C . 0.56 14.66 -3.93
C14 B4L C . 2.77 19.04 -3.22
C16 B4L C . 3.83 20.71 -4.57
C18 B4L C . 2.38 19.01 -5.67
C19 B4L C . 4.03 20.62 -2.40
N03 B4L C . -0.31 15.60 -4.60
N08 B4L C . -0.69 17.76 -5.39
N15 B4L C . 3.25 20.40 -3.28
O05 B4L C . -1.87 14.08 -4.85
C10 B4L D . 5.75 -16.35 -5.33
C13 B4L D . -0.34 -18.30 -5.14
C17 B4L D . -1.35 -19.66 -6.85
N01 B4L D . -0.09 -16.86 -4.79
C02 B4L D . 1.26 -16.34 -4.82
C04 B4L D . 2.73 -14.57 -4.59
C06 B4L D . 3.82 -15.42 -4.91
C07 B4L D . 3.55 -16.74 -5.16
C09 B4L D . 4.79 -17.36 -5.45
N11 B4L D . 5.15 -15.21 -5.00
C12 B4L D . 0.40 -14.17 -4.24
C14 B4L D . -1.30 -18.90 -4.10
C16 B4L D . -2.33 -20.21 -5.81
C18 B4L D . -0.85 -18.35 -6.50
C19 B4L D . -2.54 -20.64 -3.67
N03 B4L D . 1.50 -15.05 -4.56
N08 B4L D . 2.25 -17.18 -5.12
N15 B4L D . -1.76 -20.21 -4.48
O05 B4L D . 2.94 -13.43 -4.37
#